data_3TEQ
#
_entry.id   3TEQ
#
_cell.length_a   90.584
_cell.length_b   90.584
_cell.length_c   104.919
_cell.angle_alpha   90.00
_cell.angle_beta   90.00
_cell.angle_gamma   90.00
#
_symmetry.space_group_name_H-M   'P 41 21 2'
#
loop_
_entity.id
_entity.type
_entity.pdbx_description
1 polymer 'Stromal interaction molecule 1'
2 non-polymer 'PHOSPHATE ION'
3 water water
#
_entity_poly.entity_id   1
_entity_poly.type   'polypeptide(L)'
_entity_poly.pdbx_seq_one_letter_code
;PEALQKWLQLTHEVEVQYYNIKKQNAEKQLMVAKEGAEKIKKKRNTLFGTFHVAHSSSLDDVDHKILTAKQALSEATAAL
RERLHRWQQIEILTGFQIVNN
;
_entity_poly.pdbx_strand_id   A,B,C,D
#
loop_
_chem_comp.id
_chem_comp.type
_chem_comp.name
_chem_comp.formula
PO4 non-polymer 'PHOSPHATE ION' 'O4 P -3'
#
# COMPACT_ATOMS: atom_id res chain seq x y z
N PRO A 1 -0.52 11.07 15.53
CA PRO A 1 0.25 11.04 14.25
C PRO A 1 1.26 9.90 14.23
N GLU A 2 1.86 9.62 15.37
CA GLU A 2 2.87 8.56 15.50
C GLU A 2 2.33 7.20 15.04
N ALA A 3 1.13 6.85 15.51
CA ALA A 3 0.54 5.57 15.15
C ALA A 3 0.24 5.44 13.66
N LEU A 4 -0.45 6.43 13.09
CA LEU A 4 -0.79 6.40 11.67
C LEU A 4 0.45 6.31 10.81
N GLN A 5 1.52 6.95 11.27
CA GLN A 5 2.77 6.93 10.53
C GLN A 5 3.34 5.52 10.49
N LYS A 6 3.24 4.80 11.60
CA LYS A 6 3.77 3.45 11.62
C LYS A 6 2.91 2.52 10.76
N TRP A 7 1.59 2.74 10.74
CA TRP A 7 0.71 1.91 9.92
C TRP A 7 1.01 2.14 8.45
N LEU A 8 1.27 3.40 8.10
CA LEU A 8 1.60 3.76 6.72
C LEU A 8 2.97 3.21 6.31
N GLN A 9 3.93 3.23 7.22
CA GLN A 9 5.25 2.71 6.91
C GLN A 9 5.17 1.21 6.67
N LEU A 10 4.32 0.53 7.44
CA LEU A 10 4.16 -0.92 7.26
C LEU A 10 3.49 -1.18 5.91
N THR A 11 2.50 -0.38 5.58
CA THR A 11 1.80 -0.52 4.31
C THR A 11 2.76 -0.33 3.14
N HIS A 12 3.66 0.65 3.28
CA HIS A 12 4.62 0.91 2.22
C HIS A 12 5.62 -0.23 2.07
N GLU A 13 6.10 -0.77 3.19
CA GLU A 13 7.04 -1.88 3.17
C GLU A 13 6.40 -3.08 2.47
N VAL A 14 5.10 -3.29 2.73
CA VAL A 14 4.37 -4.39 2.11
C VAL A 14 4.27 -4.19 0.60
N GLU A 15 3.98 -2.96 0.18
CA GLU A 15 3.86 -2.71 -1.24
C GLU A 15 5.22 -2.87 -1.95
N VAL A 16 6.31 -2.45 -1.32
CA VAL A 16 7.61 -2.61 -1.95
C VAL A 16 7.94 -4.08 -2.17
N GLN A 17 7.62 -4.90 -1.18
CA GLN A 17 7.89 -6.33 -1.28
C GLN A 17 7.04 -6.92 -2.41
N TYR A 18 5.77 -6.49 -2.54
CA TYR A 18 4.93 -7.00 -3.64
C TYR A 18 5.54 -6.57 -4.96
N TYR A 19 5.99 -5.32 -5.04
CA TYR A 19 6.58 -4.84 -6.27
C TYR A 19 7.85 -5.64 -6.62
N ASN A 20 8.71 -5.89 -5.64
CA ASN A 20 9.93 -6.64 -5.94
C ASN A 20 9.56 -7.99 -6.55
N ILE A 21 8.50 -8.59 -6.04
CA ILE A 21 8.06 -9.88 -6.58
C ILE A 21 7.56 -9.70 -8.00
N LYS A 22 6.80 -8.65 -8.25
CA LYS A 22 6.29 -8.41 -9.59
C LYS A 22 7.46 -8.24 -10.56
N LYS A 23 8.47 -7.47 -10.19
CA LYS A 23 9.60 -7.27 -11.07
C LYS A 23 10.37 -8.58 -11.31
N GLN A 24 10.62 -9.32 -10.24
CA GLN A 24 11.34 -10.58 -10.33
C GLN A 24 10.56 -11.52 -11.25
N ASN A 25 9.24 -11.59 -11.09
CA ASN A 25 8.45 -12.46 -11.94
C ASN A 25 8.48 -12.02 -13.40
N ALA A 26 8.51 -10.72 -13.64
CA ALA A 26 8.56 -10.24 -15.02
C ALA A 26 9.91 -10.63 -15.62
N GLU A 27 10.98 -10.52 -14.82
CA GLU A 27 12.30 -10.87 -15.31
C GLU A 27 12.35 -12.35 -15.62
N LYS A 28 11.73 -13.16 -14.77
CA LYS A 28 11.72 -14.60 -14.98
C LYS A 28 10.86 -14.92 -16.21
N GLN A 29 9.74 -14.23 -16.36
CA GLN A 29 8.84 -14.45 -17.49
C GLN A 29 9.61 -14.25 -18.82
N LEU A 30 10.50 -13.23 -18.87
CA LEU A 30 11.29 -12.89 -20.07
C LEU A 30 12.32 -13.98 -20.29
N MET A 31 12.90 -14.47 -19.20
CA MET A 31 13.89 -15.51 -19.32
C MET A 31 13.24 -16.77 -19.83
N VAL A 32 12.08 -17.08 -19.27
CA VAL A 32 11.35 -18.27 -19.67
C VAL A 32 10.96 -18.20 -21.14
N ALA A 33 10.52 -17.03 -21.58
CA ALA A 33 10.12 -16.84 -22.97
C ALA A 33 11.30 -17.03 -23.91
N LYS A 34 12.45 -16.46 -23.55
CA LYS A 34 13.64 -16.57 -24.38
C LYS A 34 14.16 -18.00 -24.41
N GLU A 35 14.12 -18.68 -23.26
CA GLU A 35 14.56 -20.07 -23.17
C GLU A 35 13.65 -20.92 -24.04
N GLY A 36 12.35 -20.68 -23.93
CA GLY A 36 11.37 -21.42 -24.70
C GLY A 36 11.58 -21.27 -26.19
N ALA A 37 11.91 -20.06 -26.63
CA ALA A 37 12.14 -19.82 -28.05
C ALA A 37 13.46 -20.48 -28.46
N GLU A 38 14.42 -20.48 -27.54
CA GLU A 38 15.72 -21.08 -27.81
C GLU A 38 15.50 -22.58 -28.00
N LYS A 39 14.63 -23.14 -27.16
CA LYS A 39 14.33 -24.57 -27.21
C LYS A 39 13.63 -24.95 -28.51
N ILE A 40 12.67 -24.14 -28.93
CA ILE A 40 11.94 -24.40 -30.16
C ILE A 40 12.84 -24.23 -31.37
N LYS A 41 13.77 -23.28 -31.31
CA LYS A 41 14.69 -23.08 -32.43
C LYS A 41 15.57 -24.31 -32.56
N LYS A 42 15.89 -24.92 -31.43
CA LYS A 42 16.71 -26.12 -31.40
C LYS A 42 15.93 -27.29 -31.97
N LYS A 43 14.65 -27.38 -31.62
CA LYS A 43 13.81 -28.45 -32.13
C LYS A 43 13.54 -28.25 -33.63
N ARG A 44 13.34 -27.01 -34.04
CA ARG A 44 13.09 -26.73 -35.45
C ARG A 44 14.36 -27.00 -36.24
N ASN A 45 15.51 -26.91 -35.56
CA ASN A 45 16.78 -27.20 -36.21
C ASN A 45 16.84 -28.70 -36.50
N THR A 46 16.39 -29.50 -35.53
CA THR A 46 16.41 -30.95 -35.71
C THR A 46 15.43 -31.41 -36.79
N LEU A 47 14.34 -30.68 -36.94
CA LEU A 47 13.30 -31.02 -37.91
C LEU A 47 13.55 -30.52 -39.34
N PHE A 48 14.13 -29.33 -39.47
CA PHE A 48 14.33 -28.74 -40.79
C PHE A 48 15.73 -28.30 -41.20
N GLY A 49 16.67 -28.27 -40.26
CA GLY A 49 18.00 -27.83 -40.61
C GLY A 49 18.14 -26.36 -40.24
N THR A 50 19.36 -25.89 -40.06
CA THR A 50 19.61 -24.50 -39.66
C THR A 50 19.29 -23.41 -40.68
N PHE A 51 19.57 -23.67 -41.97
CA PHE A 51 19.32 -22.68 -43.01
C PHE A 51 17.85 -22.30 -43.05
N HIS A 52 17.01 -23.32 -43.05
CA HIS A 52 15.57 -23.16 -43.07
C HIS A 52 15.12 -22.33 -41.87
N VAL A 53 15.63 -22.67 -40.69
CA VAL A 53 15.27 -21.97 -39.47
C VAL A 53 15.68 -20.49 -39.52
N ALA A 54 16.78 -20.21 -40.21
CA ALA A 54 17.26 -18.86 -40.36
C ALA A 54 16.33 -18.02 -41.22
N HIS A 55 15.60 -18.67 -42.13
CA HIS A 55 14.67 -17.99 -43.01
C HIS A 55 13.22 -18.19 -42.60
N SER A 56 13.01 -18.35 -41.30
CA SER A 56 11.68 -18.53 -40.72
C SER A 56 11.79 -18.32 -39.22
N SER A 57 12.62 -17.34 -38.84
CA SER A 57 12.87 -17.02 -37.45
C SER A 57 11.65 -16.68 -36.60
N SER A 58 10.61 -16.14 -37.23
CA SER A 58 9.40 -15.78 -36.50
C SER A 58 8.68 -17.00 -35.96
N LEU A 59 8.99 -18.16 -36.52
CA LEU A 59 8.34 -19.39 -36.08
C LEU A 59 8.91 -19.98 -34.79
N ASP A 60 9.95 -19.37 -34.24
CA ASP A 60 10.53 -19.87 -32.99
C ASP A 60 9.76 -19.32 -31.79
N ASP A 61 8.86 -18.37 -32.05
CA ASP A 61 8.05 -17.77 -30.98
C ASP A 61 6.72 -17.35 -31.60
N VAL A 62 5.98 -18.34 -32.12
CA VAL A 62 4.70 -18.11 -32.77
C VAL A 62 3.73 -17.23 -31.99
N ASP A 63 3.69 -17.41 -30.67
CA ASP A 63 2.77 -16.63 -29.85
C ASP A 63 3.39 -15.36 -29.28
N HIS A 64 4.59 -15.06 -29.73
CA HIS A 64 5.32 -13.87 -29.32
C HIS A 64 5.39 -13.68 -27.82
N LYS A 65 5.79 -14.74 -27.11
CA LYS A 65 5.90 -14.67 -25.66
C LYS A 65 7.03 -13.74 -25.25
N ILE A 66 8.05 -13.63 -26.10
CA ILE A 66 9.15 -12.73 -25.76
C ILE A 66 8.69 -11.28 -25.77
N LEU A 67 7.94 -10.88 -26.79
CA LEU A 67 7.47 -9.50 -26.86
C LEU A 67 6.47 -9.23 -25.74
N THR A 68 5.66 -10.22 -25.42
CA THR A 68 4.69 -10.06 -24.34
C THR A 68 5.44 -9.88 -23.02
N ALA A 69 6.51 -10.65 -22.83
CA ALA A 69 7.29 -10.55 -21.61
C ALA A 69 7.94 -9.17 -21.52
N LYS A 70 8.34 -8.63 -22.67
CA LYS A 70 8.97 -7.31 -22.64
C LYS A 70 7.94 -6.27 -22.25
N GLN A 71 6.69 -6.48 -22.63
CA GLN A 71 5.67 -5.53 -22.23
C GLN A 71 5.46 -5.65 -20.73
N ALA A 72 5.61 -6.87 -20.21
CA ALA A 72 5.45 -7.14 -18.79
C ALA A 72 6.51 -6.36 -18.01
N LEU A 73 7.74 -6.35 -18.51
CA LEU A 73 8.81 -5.62 -17.85
C LEU A 73 8.53 -4.13 -17.92
N SER A 74 7.98 -3.66 -19.05
CA SER A 74 7.65 -2.25 -19.20
C SER A 74 6.65 -1.86 -18.12
N GLU A 75 5.65 -2.71 -17.89
CA GLU A 75 4.66 -2.39 -16.89
C GLU A 75 5.28 -2.36 -15.51
N ALA A 76 6.31 -3.16 -15.27
CA ALA A 76 6.95 -3.17 -13.96
C ALA A 76 7.62 -1.81 -13.76
N THR A 77 8.24 -1.30 -14.83
CA THR A 77 8.91 -0.02 -14.78
C THR A 77 7.87 1.07 -14.52
N ALA A 78 6.69 0.91 -15.13
CA ALA A 78 5.61 1.88 -14.97
C ALA A 78 5.11 1.81 -13.52
N ALA A 79 4.97 0.59 -12.99
CA ALA A 79 4.48 0.40 -11.64
C ALA A 79 5.36 1.13 -10.63
N LEU A 80 6.67 1.09 -10.87
CA LEU A 80 7.62 1.74 -9.98
C LEU A 80 7.40 3.26 -9.96
N ARG A 81 7.23 3.83 -11.15
CA ARG A 81 7.02 5.26 -11.29
C ARG A 81 5.73 5.70 -10.59
N GLU A 82 4.68 4.90 -10.74
CA GLU A 82 3.39 5.23 -10.12
C GLU A 82 3.51 5.16 -8.59
N ARG A 83 4.14 4.11 -8.09
CA ARG A 83 4.30 3.97 -6.64
C ARG A 83 5.11 5.12 -6.04
N LEU A 84 6.24 5.45 -6.65
CA LEU A 84 7.07 6.54 -6.16
C LEU A 84 6.29 7.83 -6.01
N HIS A 85 5.54 8.21 -7.04
CA HIS A 85 4.77 9.43 -7.02
C HIS A 85 3.68 9.40 -5.96
N ARG A 86 2.93 8.29 -5.90
CA ARG A 86 1.85 8.14 -4.94
C ARG A 86 2.29 8.32 -3.48
N TRP A 87 3.35 7.62 -3.08
CA TRP A 87 3.82 7.73 -1.71
C TRP A 87 4.44 9.07 -1.39
N GLN A 88 4.99 9.70 -2.42
CA GLN A 88 5.58 10.99 -2.21
C GLN A 88 4.43 11.95 -1.90
N GLN A 89 3.34 11.85 -2.63
CA GLN A 89 2.19 12.71 -2.38
C GLN A 89 1.62 12.41 -1.00
N ILE A 90 1.61 11.14 -0.61
CA ILE A 90 1.10 10.78 0.70
C ILE A 90 1.99 11.36 1.80
N GLU A 91 3.29 11.35 1.59
CA GLU A 91 4.19 11.91 2.59
C GLU A 91 3.93 13.41 2.74
N ILE A 92 3.80 14.09 1.60
CA ILE A 92 3.56 15.53 1.62
C ILE A 92 2.27 15.89 2.33
N LEU A 93 1.20 15.18 2.04
CA LEU A 93 -0.09 15.46 2.65
C LEU A 93 -0.21 15.12 4.12
N THR A 94 0.50 14.09 4.57
CA THR A 94 0.45 13.68 5.96
C THR A 94 1.50 14.40 6.80
N GLY A 95 2.62 14.72 6.17
CA GLY A 95 3.70 15.38 6.88
C GLY A 95 4.58 14.32 7.51
N PHE A 96 4.27 13.06 7.25
CA PHE A 96 5.05 11.96 7.80
C PHE A 96 6.19 11.54 6.90
N GLN A 97 7.21 10.96 7.51
CA GLN A 97 8.30 10.40 6.74
C GLN A 97 7.82 8.96 6.71
N ILE A 98 7.59 8.42 5.53
CA ILE A 98 7.07 7.08 5.44
C ILE A 98 8.05 6.17 4.74
N VAL A 99 8.58 6.68 3.63
CA VAL A 99 9.47 5.94 2.79
C VAL A 99 10.94 5.74 3.20
N ASN A 100 11.71 6.81 3.29
CA ASN A 100 13.13 6.66 3.59
C ASN A 100 13.63 6.35 5.00
N PRO B 1 -15.81 58.95 -4.21
CA PRO B 1 -15.00 59.18 -5.44
C PRO B 1 -15.53 58.37 -6.62
N GLU B 2 -16.33 58.99 -7.47
CA GLU B 2 -16.88 58.23 -8.59
C GLU B 2 -15.82 57.71 -9.54
N ALA B 3 -14.77 58.49 -9.80
CA ALA B 3 -13.70 58.04 -10.70
C ALA B 3 -13.08 56.77 -10.12
N LEU B 4 -12.70 56.81 -8.85
CA LEU B 4 -12.08 55.65 -8.23
C LEU B 4 -12.97 54.42 -8.29
N GLN B 5 -14.26 54.60 -8.05
CA GLN B 5 -15.17 53.47 -8.10
C GLN B 5 -15.13 52.80 -9.47
N LYS B 6 -15.09 53.60 -10.52
CA LYS B 6 -15.07 53.02 -11.85
C LYS B 6 -13.78 52.24 -12.14
N TRP B 7 -12.65 52.76 -11.69
CA TRP B 7 -11.38 52.08 -11.91
C TRP B 7 -11.36 50.75 -11.18
N LEU B 8 -11.94 50.75 -9.97
CA LEU B 8 -12.02 49.54 -9.15
C LEU B 8 -13.01 48.55 -9.77
N GLN B 9 -14.09 49.04 -10.37
CA GLN B 9 -15.06 48.15 -11.01
C GLN B 9 -14.36 47.46 -12.19
N LEU B 10 -13.63 48.24 -12.97
CA LEU B 10 -12.92 47.71 -14.12
C LEU B 10 -11.89 46.67 -13.64
N THR B 11 -11.18 46.99 -12.55
CA THR B 11 -10.19 46.09 -11.99
C THR B 11 -10.82 44.76 -11.58
N HIS B 12 -11.99 44.83 -10.96
CA HIS B 12 -12.69 43.61 -10.55
C HIS B 12 -13.13 42.80 -11.76
N GLU B 13 -13.65 43.47 -12.78
CA GLU B 13 -14.08 42.79 -14.01
C GLU B 13 -12.90 42.03 -14.61
N VAL B 14 -11.73 42.65 -14.59
CA VAL B 14 -10.52 42.03 -15.12
C VAL B 14 -10.14 40.79 -14.30
N GLU B 15 -10.18 40.90 -12.98
CA GLU B 15 -9.82 39.74 -12.15
C GLU B 15 -10.79 38.59 -12.35
N VAL B 16 -12.08 38.89 -12.44
CA VAL B 16 -13.08 37.84 -12.63
C VAL B 16 -12.83 37.12 -13.95
N GLN B 17 -12.48 37.85 -14.99
CA GLN B 17 -12.22 37.21 -16.27
C GLN B 17 -10.98 36.31 -16.17
N TYR B 18 -9.94 36.78 -15.48
CA TYR B 18 -8.73 35.97 -15.30
C TYR B 18 -9.07 34.69 -14.55
N TYR B 19 -9.86 34.83 -13.48
CA TYR B 19 -10.28 33.68 -12.68
C TYR B 19 -11.06 32.67 -13.51
N ASN B 20 -11.98 33.16 -14.33
CA ASN B 20 -12.78 32.25 -15.16
C ASN B 20 -11.94 31.45 -16.14
N ILE B 21 -10.89 32.08 -16.67
CA ILE B 21 -10.01 31.41 -17.60
C ILE B 21 -9.23 30.33 -16.84
N LYS B 22 -8.80 30.68 -15.62
CA LYS B 22 -8.05 29.75 -14.77
C LYS B 22 -8.92 28.52 -14.48
N LYS B 23 -10.17 28.76 -14.07
CA LYS B 23 -11.10 27.69 -13.74
C LYS B 23 -11.40 26.81 -14.95
N GLN B 24 -11.64 27.47 -16.08
CA GLN B 24 -11.93 26.80 -17.33
C GLN B 24 -10.72 25.95 -17.75
N ASN B 25 -9.52 26.48 -17.55
CA ASN B 25 -8.34 25.74 -17.92
C ASN B 25 -8.15 24.53 -17.00
N ALA B 26 -8.57 24.64 -15.74
CA ALA B 26 -8.45 23.52 -14.81
C ALA B 26 -9.49 22.45 -15.19
N GLU B 27 -10.69 22.89 -15.57
CA GLU B 27 -11.75 21.96 -15.95
C GLU B 27 -11.32 21.20 -17.20
N LYS B 28 -10.69 21.91 -18.13
CA LYS B 28 -10.23 21.27 -19.36
C LYS B 28 -9.13 20.26 -19.04
N GLN B 29 -8.24 20.62 -18.12
CA GLN B 29 -7.14 19.77 -17.69
C GLN B 29 -7.69 18.45 -17.13
N LEU B 30 -8.76 18.51 -16.32
CA LEU B 30 -9.36 17.31 -15.71
C LEU B 30 -9.99 16.46 -16.83
N MET B 31 -10.64 17.14 -17.78
CA MET B 31 -11.28 16.44 -18.89
C MET B 31 -10.25 15.68 -19.70
N VAL B 32 -9.15 16.37 -19.99
CA VAL B 32 -8.08 15.78 -20.78
C VAL B 32 -7.42 14.62 -20.05
N ALA B 33 -7.29 14.73 -18.73
CA ALA B 33 -6.68 13.68 -17.93
C ALA B 33 -7.56 12.42 -17.92
N LYS B 34 -8.85 12.59 -17.69
CA LYS B 34 -9.76 11.44 -17.64
C LYS B 34 -9.84 10.76 -18.98
N GLU B 35 -9.79 11.58 -20.02
CA GLU B 35 -9.86 11.12 -21.39
C GLU B 35 -8.59 10.31 -21.71
N GLY B 36 -7.44 10.83 -21.31
CA GLY B 36 -6.19 10.14 -21.55
C GLY B 36 -6.18 8.79 -20.84
N ALA B 37 -6.70 8.74 -19.62
CA ALA B 37 -6.74 7.50 -18.88
C ALA B 37 -7.71 6.50 -19.49
N GLU B 38 -8.86 6.96 -19.98
CA GLU B 38 -9.80 6.03 -20.58
C GLU B 38 -9.22 5.43 -21.85
N LYS B 39 -8.44 6.20 -22.61
CA LYS B 39 -7.84 5.69 -23.83
C LYS B 39 -6.81 4.60 -23.54
N ILE B 40 -5.97 4.82 -22.53
CA ILE B 40 -4.93 3.85 -22.18
C ILE B 40 -5.58 2.56 -21.67
N LYS B 41 -6.58 2.72 -20.82
CA LYS B 41 -7.27 1.59 -20.25
C LYS B 41 -7.92 0.72 -21.32
N LYS B 42 -8.63 1.37 -22.25
CA LYS B 42 -9.32 0.67 -23.32
C LYS B 42 -8.33 -0.13 -24.15
N LYS B 43 -7.20 0.51 -24.42
CA LYS B 43 -6.13 -0.10 -25.19
C LYS B 43 -5.57 -1.32 -24.46
N ARG B 44 -5.24 -1.16 -23.18
CA ARG B 44 -4.70 -2.27 -22.38
C ARG B 44 -5.72 -3.39 -22.28
N ASN B 45 -7.00 -3.03 -22.22
CA ASN B 45 -8.05 -4.05 -22.11
C ASN B 45 -8.01 -4.95 -23.34
N THR B 46 -7.84 -4.35 -24.50
CA THR B 46 -7.78 -5.11 -25.74
C THR B 46 -6.45 -5.84 -25.86
N LEU B 47 -5.37 -5.17 -25.48
CA LEU B 47 -4.03 -5.76 -25.54
C LEU B 47 -3.79 -6.92 -24.60
N PHE B 48 -4.16 -6.74 -23.33
CA PHE B 48 -3.89 -7.76 -22.33
C PHE B 48 -5.06 -8.50 -21.71
N GLY B 49 -6.28 -8.07 -21.99
CA GLY B 49 -7.44 -8.74 -21.41
C GLY B 49 -7.96 -7.97 -20.20
N THR B 50 -9.25 -8.08 -19.94
CA THR B 50 -9.86 -7.37 -18.83
C THR B 50 -9.33 -7.85 -17.48
N PHE B 51 -9.03 -9.14 -17.35
CA PHE B 51 -8.53 -9.67 -16.10
C PHE B 51 -7.24 -8.96 -15.70
N HIS B 52 -6.29 -8.91 -16.62
CA HIS B 52 -5.01 -8.25 -16.38
C HIS B 52 -5.18 -6.78 -15.99
N VAL B 53 -6.02 -6.06 -16.71
CA VAL B 53 -6.26 -4.65 -16.44
C VAL B 53 -6.91 -4.45 -15.07
N ALA B 54 -7.83 -5.34 -14.71
CA ALA B 54 -8.51 -5.25 -13.43
C ALA B 54 -7.54 -5.47 -12.26
N HIS B 55 -6.40 -6.09 -12.55
CA HIS B 55 -5.39 -6.36 -11.53
C HIS B 55 -4.18 -5.45 -11.63
N SER B 56 -4.31 -4.37 -12.40
CA SER B 56 -3.24 -3.41 -12.56
C SER B 56 -3.85 -2.06 -12.95
N SER B 57 -4.97 -1.74 -12.31
CA SER B 57 -5.70 -0.50 -12.61
C SER B 57 -4.95 0.81 -12.44
N SER B 58 -3.96 0.86 -11.57
CA SER B 58 -3.22 2.11 -11.37
C SER B 58 -2.31 2.47 -12.54
N LEU B 59 -2.09 1.51 -13.44
CA LEU B 59 -1.21 1.76 -14.58
C LEU B 59 -1.85 2.54 -15.74
N ASP B 60 -3.13 2.89 -15.60
CA ASP B 60 -3.79 3.64 -16.66
C ASP B 60 -3.56 5.15 -16.46
N ASP B 61 -3.01 5.51 -15.31
CA ASP B 61 -2.71 6.91 -15.03
C ASP B 61 -1.49 6.94 -14.10
N VAL B 62 -0.37 6.46 -14.64
CA VAL B 62 0.88 6.37 -13.89
C VAL B 62 1.33 7.67 -13.22
N ASP B 63 1.15 8.79 -13.89
CA ASP B 63 1.58 10.04 -13.28
C ASP B 63 0.46 10.76 -12.53
N HIS B 64 -0.64 10.04 -12.34
CA HIS B 64 -1.79 10.57 -11.60
C HIS B 64 -2.25 11.94 -12.08
N LYS B 65 -2.42 12.06 -13.39
CA LYS B 65 -2.86 13.33 -13.96
C LYS B 65 -4.26 13.68 -13.53
N ILE B 66 -5.06 12.66 -13.26
CA ILE B 66 -6.42 12.91 -12.85
C ILE B 66 -6.41 13.56 -11.47
N LEU B 67 -5.67 12.98 -10.52
CA LEU B 67 -5.58 13.54 -9.18
C LEU B 67 -4.94 14.91 -9.20
N THR B 68 -3.96 15.09 -10.08
CA THR B 68 -3.28 16.37 -10.20
C THR B 68 -4.25 17.42 -10.72
N ALA B 69 -5.08 17.04 -11.68
CA ALA B 69 -6.05 17.97 -12.23
C ALA B 69 -7.09 18.32 -11.18
N LYS B 70 -7.49 17.34 -10.38
CA LYS B 70 -8.47 17.61 -9.33
C LYS B 70 -7.90 18.60 -8.35
N GLN B 71 -6.60 18.51 -8.09
CA GLN B 71 -5.99 19.46 -7.17
C GLN B 71 -6.01 20.86 -7.76
N ALA B 72 -5.80 20.95 -9.07
CA ALA B 72 -5.79 22.24 -9.73
C ALA B 72 -7.17 22.87 -9.55
N LEU B 73 -8.22 22.05 -9.62
CA LEU B 73 -9.55 22.57 -9.46
C LEU B 73 -9.78 23.11 -8.04
N SER B 74 -9.20 22.46 -7.04
CA SER B 74 -9.37 22.90 -5.65
C SER B 74 -8.72 24.27 -5.50
N GLU B 75 -7.64 24.43 -6.24
CA GLU B 75 -6.89 25.66 -6.25
C GLU B 75 -7.79 26.80 -6.77
N ALA B 76 -8.66 26.49 -7.74
CA ALA B 76 -9.57 27.49 -8.30
C ALA B 76 -10.63 27.83 -7.26
N THR B 77 -11.00 26.82 -6.48
CA THR B 77 -12.00 26.99 -5.45
C THR B 77 -11.46 27.92 -4.37
N ALA B 78 -10.20 27.70 -4.00
CA ALA B 78 -9.55 28.54 -3.00
C ALA B 78 -9.42 29.97 -3.54
N ALA B 79 -9.11 30.09 -4.83
CA ALA B 79 -8.94 31.40 -5.43
C ALA B 79 -10.26 32.17 -5.40
N LEU B 80 -11.38 31.46 -5.56
CA LEU B 80 -12.68 32.12 -5.55
C LEU B 80 -12.97 32.66 -4.16
N ARG B 81 -12.72 31.83 -3.16
CA ARG B 81 -12.95 32.18 -1.78
C ARG B 81 -12.14 33.43 -1.38
N GLU B 82 -10.88 33.45 -1.77
CA GLU B 82 -9.97 34.55 -1.45
C GLU B 82 -10.43 35.82 -2.13
N ARG B 83 -10.83 35.71 -3.37
CA ARG B 83 -11.26 36.89 -4.12
C ARG B 83 -12.53 37.52 -3.54
N LEU B 84 -13.53 36.71 -3.25
CA LEU B 84 -14.78 37.23 -2.70
C LEU B 84 -14.54 37.99 -1.42
N HIS B 85 -13.73 37.42 -0.54
CA HIS B 85 -13.47 38.07 0.74
C HIS B 85 -12.68 39.36 0.57
N ARG B 86 -11.66 39.33 -0.30
CA ARG B 86 -10.83 40.53 -0.53
C ARG B 86 -11.68 41.66 -1.10
N TRP B 87 -12.47 41.40 -2.13
CA TRP B 87 -13.28 42.47 -2.69
C TRP B 87 -14.40 42.92 -1.74
N GLN B 88 -14.94 41.99 -0.95
CA GLN B 88 -15.98 42.39 0.00
C GLN B 88 -15.38 43.43 0.96
N GLN B 89 -14.14 43.23 1.40
CA GLN B 89 -13.50 44.18 2.31
C GLN B 89 -13.19 45.51 1.61
N ILE B 90 -12.79 45.47 0.35
CA ILE B 90 -12.49 46.70 -0.39
C ILE B 90 -13.79 47.50 -0.52
N GLU B 91 -14.90 46.82 -0.81
CA GLU B 91 -16.19 47.50 -0.93
C GLU B 91 -16.58 48.19 0.39
N ILE B 92 -16.41 47.49 1.51
CA ILE B 92 -16.74 48.05 2.81
C ILE B 92 -15.88 49.26 3.17
N LEU B 93 -14.58 49.17 2.92
CA LEU B 93 -13.66 50.27 3.23
C LEU B 93 -13.87 51.49 2.34
N THR B 94 -14.20 51.28 1.07
CA THR B 94 -14.39 52.40 0.14
C THR B 94 -15.81 52.94 0.18
N GLY B 95 -16.76 52.07 0.46
CA GLY B 95 -18.16 52.49 0.47
C GLY B 95 -18.76 52.39 -0.91
N PHE B 96 -18.03 51.76 -1.83
CA PHE B 96 -18.48 51.59 -3.20
C PHE B 96 -19.04 50.20 -3.45
N GLN B 97 -20.00 50.10 -4.36
CA GLN B 97 -20.52 48.81 -4.75
C GLN B 97 -19.61 48.57 -5.98
N ILE B 98 -18.84 47.49 -5.95
CA ILE B 98 -17.88 47.22 -7.01
C ILE B 98 -18.11 45.94 -7.79
N VAL B 99 -18.31 44.89 -7.02
CA VAL B 99 -18.56 43.56 -7.55
C VAL B 99 -19.68 43.48 -8.58
N ASN B 100 -19.51 42.66 -9.63
CA ASN B 100 -20.60 42.49 -10.59
C ASN B 100 -20.90 41.05 -10.97
N ASN B 101 -22.15 40.81 -11.35
CA ASN B 101 -22.73 39.52 -11.80
C ASN B 101 -23.94 39.01 -11.02
N PRO C 1 -7.57 16.92 3.17
CA PRO C 1 -7.72 15.44 3.39
C PRO C 1 -8.56 14.68 2.32
N GLU C 2 -9.27 15.39 1.43
CA GLU C 2 -10.03 14.67 0.41
C GLU C 2 -9.01 14.02 -0.52
N ALA C 3 -7.93 14.73 -0.79
CA ALA C 3 -6.89 14.21 -1.67
C ALA C 3 -6.24 12.99 -1.01
N LEU C 4 -5.89 13.11 0.27
CA LEU C 4 -5.25 12.00 0.96
C LEU C 4 -6.13 10.77 0.91
N GLN C 5 -7.43 10.95 1.10
CA GLN C 5 -8.32 9.81 1.06
C GLN C 5 -8.24 9.10 -0.28
N LYS C 6 -8.18 9.86 -1.37
CA LYS C 6 -8.08 9.27 -2.69
C LYS C 6 -6.76 8.53 -2.86
N TRP C 7 -5.68 9.11 -2.36
CA TRP C 7 -4.38 8.47 -2.48
C TRP C 7 -4.37 7.16 -1.71
N LEU C 8 -5.00 7.17 -0.53
CA LEU C 8 -5.06 5.96 0.31
C LEU C 8 -5.98 4.91 -0.32
N GLN C 9 -7.07 5.35 -0.94
CA GLN C 9 -7.98 4.43 -1.60
C GLN C 9 -7.23 3.72 -2.73
N LEU C 10 -6.46 4.50 -3.49
CA LEU C 10 -5.70 3.94 -4.60
C LEU C 10 -4.69 2.94 -4.05
N THR C 11 -4.00 3.30 -2.98
CA THR C 11 -3.00 2.43 -2.37
C THR C 11 -3.63 1.12 -1.94
N HIS C 12 -4.82 1.17 -1.37
CA HIS C 12 -5.51 -0.04 -0.95
C HIS C 12 -5.86 -0.93 -2.16
N GLU C 13 -6.36 -0.34 -3.25
CA GLU C 13 -6.70 -1.08 -4.45
C GLU C 13 -5.48 -1.80 -4.97
N VAL C 14 -4.36 -1.07 -4.99
CA VAL C 14 -3.11 -1.62 -5.47
C VAL C 14 -2.71 -2.82 -4.63
N GLU C 15 -2.83 -2.69 -3.31
CA GLU C 15 -2.46 -3.79 -2.45
C GLU C 15 -3.37 -5.00 -2.65
N VAL C 16 -4.68 -4.77 -2.74
CA VAL C 16 -5.59 -5.89 -2.93
C VAL C 16 -5.30 -6.60 -4.25
N GLN C 17 -4.97 -5.84 -5.29
CA GLN C 17 -4.68 -6.45 -6.58
C GLN C 17 -3.42 -7.30 -6.48
N TYR C 18 -2.40 -6.80 -5.78
CA TYR C 18 -1.17 -7.58 -5.59
C TYR C 18 -1.47 -8.89 -4.88
N TYR C 19 -2.23 -8.77 -3.81
CA TYR C 19 -2.61 -9.92 -3.01
C TYR C 19 -3.31 -10.99 -3.86
N ASN C 20 -4.27 -10.55 -4.67
CA ASN C 20 -5.01 -11.48 -5.51
C ASN C 20 -4.12 -12.15 -6.54
N ILE C 21 -3.20 -11.41 -7.13
CA ILE C 21 -2.31 -12.00 -8.11
C ILE C 21 -1.42 -13.04 -7.45
N LYS C 22 -0.92 -12.73 -6.27
CA LYS C 22 -0.06 -13.66 -5.58
C LYS C 22 -0.85 -14.92 -5.22
N LYS C 23 -2.07 -14.74 -4.71
CA LYS C 23 -2.88 -15.89 -4.36
C LYS C 23 -3.17 -16.72 -5.61
N GLN C 24 -3.52 -16.07 -6.70
CA GLN C 24 -3.81 -16.79 -7.94
C GLN C 24 -2.58 -17.56 -8.41
N ASN C 25 -1.41 -16.94 -8.28
CA ASN C 25 -0.18 -17.59 -8.70
C ASN C 25 0.10 -18.83 -7.86
N ALA C 26 -0.15 -18.77 -6.56
CA ALA C 26 0.06 -19.93 -5.70
C ALA C 26 -0.95 -21.03 -6.04
N GLU C 27 -2.17 -20.63 -6.39
CA GLU C 27 -3.22 -21.59 -6.73
C GLU C 27 -2.79 -22.30 -8.02
N LYS C 28 -2.27 -21.54 -8.97
CA LYS C 28 -1.81 -22.10 -10.24
C LYS C 28 -0.68 -23.11 -9.98
N GLN C 29 0.27 -22.76 -9.10
CA GLN C 29 1.40 -23.62 -8.73
C GLN C 29 0.88 -24.98 -8.21
N LEU C 30 -0.17 -24.96 -7.37
CA LEU C 30 -0.74 -26.18 -6.79
C LEU C 30 -1.36 -27.04 -7.90
N MET C 31 -2.12 -26.39 -8.77
CA MET C 31 -2.78 -27.07 -9.87
C MET C 31 -1.75 -27.75 -10.76
N VAL C 32 -0.70 -27.02 -11.06
CA VAL C 32 0.36 -27.52 -11.90
C VAL C 32 1.05 -28.73 -11.27
N ALA C 33 1.32 -28.64 -9.97
CA ALA C 33 1.99 -29.72 -9.25
C ALA C 33 1.14 -30.99 -9.25
N LYS C 34 -0.16 -30.85 -9.00
CA LYS C 34 -1.05 -32.00 -8.97
C LYS C 34 -1.11 -32.66 -10.33
N GLU C 35 -1.10 -31.82 -11.36
CA GLU C 35 -1.14 -32.22 -12.75
C GLU C 35 0.07 -33.08 -13.04
N GLY C 36 1.22 -32.51 -12.71
CA GLY C 36 2.48 -33.17 -12.95
C GLY C 36 2.52 -34.55 -12.33
N ALA C 37 2.05 -34.67 -11.10
CA ALA C 37 2.05 -35.94 -10.40
C ALA C 37 1.04 -36.91 -10.99
N GLU C 38 -0.15 -36.41 -11.30
CA GLU C 38 -1.17 -37.27 -11.87
C GLU C 38 -0.66 -37.87 -13.19
N LYS C 39 0.08 -37.09 -13.97
CA LYS C 39 0.65 -37.56 -15.26
C LYS C 39 1.70 -38.66 -15.03
N ILE C 40 2.58 -38.44 -14.07
CA ILE C 40 3.63 -39.42 -13.79
C ILE C 40 3.02 -40.73 -13.31
N LYS C 41 2.00 -40.61 -12.49
CA LYS C 41 1.35 -41.78 -11.97
C LYS C 41 0.73 -42.64 -13.05
N LYS C 42 0.09 -42.01 -14.02
CA LYS C 42 -0.56 -42.73 -15.10
C LYS C 42 0.51 -43.49 -15.88
N LYS C 43 1.60 -42.78 -16.20
CA LYS C 43 2.71 -43.37 -16.92
C LYS C 43 3.26 -44.57 -16.14
N ARG C 44 3.48 -44.40 -14.84
CA ARG C 44 4.01 -45.48 -14.03
C ARG C 44 3.06 -46.66 -13.97
N ASN C 45 1.76 -46.39 -13.98
CA ASN C 45 0.81 -47.50 -13.93
C ASN C 45 0.97 -48.38 -15.15
N THR C 46 1.10 -47.75 -16.32
CA THR C 46 1.22 -48.55 -17.52
C THR C 46 2.62 -49.18 -17.63
N LEU C 47 3.68 -48.51 -17.16
CA LEU C 47 5.04 -49.07 -17.25
C LEU C 47 5.25 -50.25 -16.28
N PHE C 48 4.82 -50.08 -15.04
CA PHE C 48 5.02 -51.10 -14.01
C PHE C 48 3.84 -51.92 -13.54
N GLY C 49 2.62 -51.49 -13.84
CA GLY C 49 1.45 -52.24 -13.38
C GLY C 49 0.89 -51.55 -12.14
N THR C 50 -0.42 -51.69 -11.92
CA THR C 50 -1.04 -51.04 -10.78
C THR C 50 -0.55 -51.58 -9.43
N PHE C 51 -0.25 -52.88 -9.35
CA PHE C 51 0.22 -53.42 -8.07
C PHE C 51 1.47 -52.66 -7.63
N HIS C 52 2.44 -52.57 -8.53
CA HIS C 52 3.70 -51.88 -8.22
C HIS C 52 3.49 -50.43 -7.79
N VAL C 53 2.70 -49.70 -8.56
CA VAL C 53 2.45 -48.30 -8.26
C VAL C 53 1.73 -48.11 -6.92
N ALA C 54 0.87 -49.06 -6.57
CA ALA C 54 0.12 -49.00 -5.31
C ALA C 54 1.05 -49.21 -4.11
N HIS C 55 2.26 -49.70 -4.37
CA HIS C 55 3.24 -49.95 -3.33
C HIS C 55 4.45 -49.02 -3.44
N SER C 56 4.28 -47.94 -4.20
CA SER C 56 5.36 -46.96 -4.38
C SER C 56 4.74 -45.62 -4.73
N SER C 57 3.60 -45.33 -4.11
CA SER C 57 2.85 -44.10 -4.36
C SER C 57 3.62 -42.78 -4.19
N SER C 58 4.60 -42.74 -3.30
CA SER C 58 5.35 -41.50 -3.10
C SER C 58 6.25 -41.13 -4.27
N LEU C 59 6.48 -42.07 -5.19
CA LEU C 59 7.34 -41.80 -6.33
C LEU C 59 6.68 -40.99 -7.43
N ASP C 60 5.41 -40.67 -7.24
CA ASP C 60 4.68 -39.87 -8.23
C ASP C 60 5.04 -38.38 -8.07
N ASP C 61 5.62 -38.02 -6.93
CA ASP C 61 6.00 -36.64 -6.64
C ASP C 61 7.24 -36.66 -5.73
N VAL C 62 8.33 -37.20 -6.27
CA VAL C 62 9.60 -37.33 -5.56
C VAL C 62 10.08 -36.06 -4.88
N ASP C 63 9.86 -34.91 -5.49
CA ASP C 63 10.31 -33.67 -4.87
C ASP C 63 9.19 -32.97 -4.08
N HIS C 64 8.07 -33.65 -3.89
CA HIS C 64 6.96 -33.10 -3.12
C HIS C 64 6.53 -31.70 -3.55
N LYS C 65 6.33 -31.48 -4.85
CA LYS C 65 5.93 -30.17 -5.33
C LYS C 65 4.52 -29.84 -4.82
N ILE C 66 3.71 -30.87 -4.67
CA ILE C 66 2.35 -30.67 -4.20
C ILE C 66 2.33 -30.14 -2.76
N LEU C 67 3.03 -30.80 -1.85
CA LEU C 67 3.08 -30.38 -0.47
C LEU C 67 3.66 -28.97 -0.35
N THR C 68 4.70 -28.70 -1.14
CA THR C 68 5.36 -27.41 -1.14
C THR C 68 4.39 -26.31 -1.58
N ALA C 69 3.64 -26.58 -2.64
CA ALA C 69 2.68 -25.63 -3.16
C ALA C 69 1.53 -25.40 -2.17
N LYS C 70 1.11 -26.46 -1.49
CA LYS C 70 0.02 -26.35 -0.52
C LYS C 70 0.45 -25.45 0.63
N GLN C 71 1.67 -25.67 1.10
CA GLN C 71 2.23 -24.91 2.19
C GLN C 71 2.21 -23.41 1.90
N ALA C 72 2.66 -23.02 0.71
CA ALA C 72 2.72 -21.60 0.31
C ALA C 72 1.33 -20.99 0.24
N LEU C 73 0.38 -21.74 -0.32
CA LEU C 73 -0.99 -21.27 -0.47
C LEU C 73 -1.64 -21.02 0.88
N SER C 74 -1.28 -21.84 1.87
CA SER C 74 -1.85 -21.73 3.20
C SER C 74 -1.55 -20.40 3.84
N GLU C 75 -0.49 -19.74 3.40
CA GLU C 75 -0.14 -18.46 3.98
C GLU C 75 -1.15 -17.37 3.63
N ALA C 76 -1.86 -17.56 2.52
CA ALA C 76 -2.84 -16.58 2.06
C ALA C 76 -3.80 -16.19 3.17
N THR C 77 -4.11 -17.15 4.04
CA THR C 77 -5.03 -16.85 5.11
C THR C 77 -4.47 -15.82 6.08
N ALA C 78 -3.21 -15.97 6.45
CA ALA C 78 -2.56 -15.05 7.38
C ALA C 78 -2.35 -13.71 6.70
N ALA C 79 -2.02 -13.74 5.41
CA ALA C 79 -1.79 -12.53 4.67
C ALA C 79 -3.09 -11.71 4.64
N LEU C 80 -4.22 -12.38 4.44
CA LEU C 80 -5.51 -11.69 4.39
C LEU C 80 -5.77 -11.03 5.75
N ARG C 81 -5.59 -11.79 6.81
CA ARG C 81 -5.82 -11.31 8.16
C ARG C 81 -4.97 -10.07 8.47
N GLU C 82 -3.70 -10.12 8.13
CA GLU C 82 -2.80 -8.99 8.41
C GLU C 82 -3.26 -7.76 7.66
N ARG C 83 -3.68 -7.94 6.42
CA ARG C 83 -4.12 -6.81 5.63
C ARG C 83 -5.40 -6.19 6.16
N LEU C 84 -6.42 -7.00 6.44
CA LEU C 84 -7.68 -6.48 6.94
C LEU C 84 -7.48 -5.67 8.21
N HIS C 85 -6.68 -6.19 9.13
CA HIS C 85 -6.45 -5.50 10.40
C HIS C 85 -5.72 -4.14 10.21
N ARG C 86 -4.66 -4.13 9.40
CA ARG C 86 -3.90 -2.92 9.16
C ARG C 86 -4.78 -1.83 8.55
N TRP C 87 -5.48 -2.13 7.48
CA TRP C 87 -6.31 -1.11 6.87
C TRP C 87 -7.47 -0.68 7.76
N GLN C 88 -8.01 -1.61 8.54
CA GLN C 88 -9.09 -1.24 9.43
C GLN C 88 -8.56 -0.16 10.38
N GLN C 89 -7.32 -0.32 10.86
CA GLN C 89 -6.73 0.66 11.77
C GLN C 89 -6.49 1.98 11.07
N ILE C 90 -6.03 1.93 9.83
CA ILE C 90 -5.79 3.16 9.09
C ILE C 90 -7.11 3.91 8.93
N GLU C 91 -8.17 3.18 8.59
CA GLU C 91 -9.48 3.82 8.41
C GLU C 91 -9.90 4.50 9.71
N ILE C 92 -9.77 3.79 10.81
CA ILE C 92 -10.16 4.35 12.09
C ILE C 92 -9.36 5.62 12.39
N LEU C 93 -8.04 5.52 12.35
CA LEU C 93 -7.20 6.68 12.62
C LEU C 93 -7.47 7.88 11.69
N THR C 94 -7.68 7.64 10.41
CA THR C 94 -7.93 8.76 9.50
C THR C 94 -9.36 9.22 9.48
N GLY C 95 -10.29 8.34 9.81
CA GLY C 95 -11.68 8.72 9.79
C GLY C 95 -12.19 8.58 8.37
N PHE C 96 -11.38 7.98 7.49
CA PHE C 96 -11.78 7.77 6.10
C PHE C 96 -12.30 6.38 5.83
N GLN C 97 -13.26 6.28 4.92
CA GLN C 97 -13.75 4.97 4.49
C GLN C 97 -12.84 4.70 3.28
N ILE C 98 -11.98 3.70 3.38
CA ILE C 98 -11.00 3.42 2.32
C ILE C 98 -11.19 2.12 1.56
N VAL C 99 -11.48 1.09 2.33
CA VAL C 99 -11.69 -0.25 1.86
C VAL C 99 -12.79 -0.43 0.81
N ASN C 100 -12.62 -1.53 0.07
CA ASN C 100 -13.39 -1.93 -1.12
C ASN C 100 -13.85 -3.36 -1.13
N ASN C 101 -14.85 -3.64 -1.95
CA ASN C 101 -15.19 -5.03 -2.12
C ASN C 101 -14.38 -5.41 -3.35
N PRO D 1 -4.26 19.40 60.12
CA PRO D 1 -3.49 19.51 58.85
C PRO D 1 -2.33 18.51 58.85
N GLU D 2 -1.82 18.23 60.04
CA GLU D 2 -0.71 17.30 60.16
C GLU D 2 -1.18 15.90 59.76
N ALA D 3 -2.38 15.50 60.19
CA ALA D 3 -2.92 14.19 59.83
C ALA D 3 -3.24 14.17 58.33
N LEU D 4 -3.86 15.24 57.84
CA LEU D 4 -4.23 15.33 56.43
C LEU D 4 -3.00 15.30 55.53
N GLN D 5 -1.93 15.95 55.94
CA GLN D 5 -0.71 15.95 55.15
C GLN D 5 -0.19 14.52 55.02
N LYS D 6 -0.27 13.76 56.10
CA LYS D 6 0.19 12.38 56.08
C LYS D 6 -0.65 11.51 55.15
N TRP D 7 -1.97 11.72 55.16
CA TRP D 7 -2.85 10.96 54.32
C TRP D 7 -2.60 11.26 52.85
N LEU D 8 -2.31 12.52 52.54
CA LEU D 8 -2.05 12.92 51.16
C LEU D 8 -0.68 12.40 50.70
N GLN D 9 0.29 12.32 51.61
CA GLN D 9 1.61 11.79 51.27
C GLN D 9 1.46 10.31 50.97
N LEU D 10 0.70 9.60 51.79
CA LEU D 10 0.51 8.16 51.55
C LEU D 10 -0.19 7.97 50.21
N THR D 11 -1.18 8.81 49.93
CA THR D 11 -1.92 8.71 48.68
C THR D 11 -1.00 8.88 47.47
N HIS D 12 -0.09 9.83 47.57
CA HIS D 12 0.84 10.08 46.47
C HIS D 12 1.79 8.89 46.31
N GLU D 13 2.29 8.37 47.41
CA GLU D 13 3.21 7.21 47.41
C GLU D 13 2.51 6.06 46.66
N VAL D 14 1.24 5.86 46.98
CA VAL D 14 0.45 4.80 46.37
C VAL D 14 0.31 5.00 44.86
N GLU D 15 0.06 6.23 44.41
CA GLU D 15 -0.09 6.47 42.99
C GLU D 15 1.23 6.27 42.24
N VAL D 16 2.34 6.68 42.84
CA VAL D 16 3.61 6.51 42.18
C VAL D 16 3.88 5.01 41.99
N GLN D 17 3.58 4.21 43.01
CA GLN D 17 3.79 2.76 42.90
C GLN D 17 2.88 2.21 41.78
N TYR D 18 1.63 2.67 41.68
CA TYR D 18 0.74 2.20 40.61
C TYR D 18 1.30 2.55 39.24
N TYR D 19 1.76 3.79 39.09
CA TYR D 19 2.31 4.25 37.84
C TYR D 19 3.56 3.43 37.47
N ASN D 20 4.44 3.23 38.43
CA ASN D 20 5.65 2.46 38.18
C ASN D 20 5.31 1.05 37.71
N ILE D 21 4.36 0.39 38.37
CA ILE D 21 3.98 -0.96 37.96
C ILE D 21 3.31 -0.95 36.58
N LYS D 22 2.55 0.09 36.27
CA LYS D 22 1.89 0.11 34.98
C LYS D 22 2.91 0.29 33.86
N LYS D 23 3.92 1.11 34.11
CA LYS D 23 4.93 1.33 33.10
C LYS D 23 5.74 0.04 32.90
N GLN D 24 6.10 -0.61 34.00
CA GLN D 24 6.86 -1.83 33.91
C GLN D 24 6.06 -2.86 33.10
N ASN D 25 4.75 -2.93 33.32
CA ASN D 25 3.93 -3.88 32.60
C ASN D 25 3.85 -3.56 31.11
N ALA D 26 3.81 -2.27 30.79
CA ALA D 26 3.74 -1.89 29.38
C ALA D 26 5.08 -2.28 28.74
N GLU D 27 6.17 -2.10 29.46
CA GLU D 27 7.48 -2.42 28.91
C GLU D 27 7.54 -3.89 28.60
N LYS D 28 6.98 -4.67 29.52
CA LYS D 28 6.97 -6.09 29.37
C LYS D 28 6.08 -6.55 28.21
N GLN D 29 4.94 -5.87 28.03
CA GLN D 29 3.96 -6.15 26.98
C GLN D 29 4.67 -6.06 25.63
N LEU D 30 5.52 -5.03 25.49
CA LEU D 30 6.26 -4.82 24.27
C LEU D 30 7.29 -5.93 24.07
N MET D 31 7.98 -6.32 25.14
CA MET D 31 8.97 -7.36 25.05
C MET D 31 8.32 -8.67 24.64
N VAL D 32 7.19 -8.99 25.25
CA VAL D 32 6.48 -10.21 24.92
C VAL D 32 6.02 -10.18 23.47
N ALA D 33 5.57 -9.01 23.03
CA ALA D 33 5.11 -8.84 21.66
C ALA D 33 6.26 -9.12 20.69
N LYS D 34 7.41 -8.54 20.98
CA LYS D 34 8.58 -8.72 20.13
C LYS D 34 9.10 -10.13 20.08
N GLU D 35 9.14 -10.80 21.23
CA GLU D 35 9.62 -12.19 21.27
C GLU D 35 8.59 -13.03 20.53
N GLY D 36 7.33 -12.66 20.70
CA GLY D 36 6.25 -13.38 20.03
C GLY D 36 6.51 -13.40 18.54
N ALA D 37 6.77 -12.23 17.96
CA ALA D 37 7.02 -12.13 16.52
C ALA D 37 8.30 -12.85 16.11
N GLU D 38 9.30 -12.78 16.96
CA GLU D 38 10.58 -13.39 16.71
C GLU D 38 10.40 -14.91 16.61
N LYS D 39 9.53 -15.43 17.47
CA LYS D 39 9.23 -16.85 17.51
C LYS D 39 8.47 -17.25 16.25
N ILE D 40 7.51 -16.43 15.86
CA ILE D 40 6.73 -16.69 14.66
C ILE D 40 7.67 -16.68 13.47
N LYS D 41 8.61 -15.73 13.47
CA LYS D 41 9.56 -15.62 12.38
C LYS D 41 10.37 -16.92 12.24
N LYS D 42 10.72 -17.55 13.36
CA LYS D 42 11.50 -18.79 13.29
C LYS D 42 10.63 -19.93 12.75
N LYS D 43 9.38 -20.00 13.21
CA LYS D 43 8.45 -21.04 12.75
C LYS D 43 8.21 -20.83 11.25
N ARG D 44 7.97 -19.60 10.84
CA ARG D 44 7.74 -19.32 9.43
C ARG D 44 8.95 -19.69 8.60
N ASN D 45 10.14 -19.50 9.18
CA ASN D 45 11.34 -19.83 8.44
C ASN D 45 11.35 -21.31 8.18
N THR D 46 10.87 -22.11 9.12
CA THR D 46 10.91 -23.53 8.92
C THR D 46 9.88 -24.00 7.89
N LEU D 47 8.78 -23.27 7.73
CA LEU D 47 7.73 -23.68 6.79
C LEU D 47 7.94 -23.15 5.38
N PHE D 48 8.53 -21.95 5.28
CA PHE D 48 8.73 -21.25 4.02
C PHE D 48 10.13 -20.91 3.54
N GLY D 49 11.13 -21.07 4.41
CA GLY D 49 12.47 -20.73 3.98
C GLY D 49 12.78 -19.29 4.32
N THR D 50 14.07 -19.01 4.46
CA THR D 50 14.59 -17.71 4.85
C THR D 50 14.40 -16.47 3.95
N PHE D 51 14.52 -16.64 2.63
CA PHE D 51 14.37 -15.51 1.70
C PHE D 51 12.90 -15.07 1.60
N HIS D 52 11.99 -16.05 1.65
CA HIS D 52 10.58 -15.74 1.58
C HIS D 52 10.16 -14.92 2.80
N VAL D 53 10.65 -15.28 3.97
CA VAL D 53 10.31 -14.58 5.20
C VAL D 53 10.80 -13.13 5.15
N ALA D 54 12.00 -12.93 4.60
CA ALA D 54 12.57 -11.60 4.48
C ALA D 54 11.68 -10.72 3.61
N HIS D 55 10.91 -11.35 2.72
CA HIS D 55 10.03 -10.62 1.82
C HIS D 55 8.55 -10.70 2.19
N SER D 56 8.28 -10.98 3.46
CA SER D 56 6.92 -11.07 3.96
C SER D 56 6.96 -10.84 5.47
N SER D 57 7.78 -9.88 5.88
CA SER D 57 7.96 -9.55 7.29
C SER D 57 6.69 -9.19 8.04
N SER D 58 5.66 -8.69 7.33
CA SER D 58 4.43 -8.33 8.01
C SER D 58 3.70 -9.54 8.56
N LEU D 59 4.03 -10.73 8.04
CA LEU D 59 3.36 -11.94 8.49
C LEU D 59 3.89 -12.53 9.80
N ASP D 60 4.93 -11.91 10.36
CA ASP D 60 5.49 -12.36 11.63
C ASP D 60 4.66 -11.80 12.79
N ASP D 61 3.86 -10.77 12.51
CA ASP D 61 3.02 -10.15 13.54
C ASP D 61 1.71 -9.69 12.90
N VAL D 62 0.96 -10.69 12.45
CA VAL D 62 -0.30 -10.49 11.78
C VAL D 62 -1.32 -9.64 12.53
N ASP D 63 -1.37 -9.73 13.85
CA ASP D 63 -2.32 -8.93 14.62
C ASP D 63 -1.68 -7.66 15.15
N HIS D 64 -0.47 -7.38 14.67
CA HIS D 64 0.25 -6.16 15.02
C HIS D 64 0.35 -5.91 16.52
N LYS D 65 0.75 -6.94 17.26
CA LYS D 65 0.87 -6.82 18.70
C LYS D 65 1.99 -5.86 19.10
N ILE D 66 3.02 -5.78 18.28
CA ILE D 66 4.12 -4.88 18.59
C ILE D 66 3.69 -3.42 18.46
N LEU D 67 3.03 -3.06 17.35
CA LEU D 67 2.59 -1.68 17.16
C LEU D 67 1.67 -1.26 18.29
N THR D 68 0.77 -2.18 18.64
CA THR D 68 -0.19 -1.95 19.71
C THR D 68 0.51 -1.65 21.02
N ALA D 69 1.49 -2.48 21.36
CA ALA D 69 2.24 -2.33 22.61
C ALA D 69 3.09 -1.06 22.65
N LYS D 70 3.63 -0.64 21.51
CA LYS D 70 4.44 0.57 21.52
C LYS D 70 3.52 1.74 21.81
N GLN D 71 2.36 1.72 21.18
CA GLN D 71 1.41 2.79 21.38
C GLN D 71 1.05 2.88 22.88
N ALA D 72 0.86 1.73 23.53
CA ALA D 72 0.50 1.71 24.96
C ALA D 72 1.59 2.26 25.88
N LEU D 73 2.85 1.95 25.58
CA LEU D 73 4.00 2.39 26.37
C LEU D 73 4.14 3.90 26.25
N SER D 74 3.76 4.39 25.07
CA SER D 74 3.81 5.79 24.71
C SER D 74 3.01 6.63 25.64
N GLU D 75 1.87 6.15 26.05
CA GLU D 75 1.14 7.03 26.89
C GLU D 75 1.61 7.06 28.33
N ALA D 76 2.66 6.29 28.62
CA ALA D 76 3.23 6.27 29.96
C ALA D 76 3.72 7.70 30.16
N THR D 77 4.25 8.26 29.09
CA THR D 77 4.77 9.61 29.15
C THR D 77 3.69 10.63 29.49
N ALA D 78 2.52 10.52 28.87
CA ALA D 78 1.44 11.46 29.16
C ALA D 78 0.99 11.27 30.61
N ALA D 79 0.95 10.02 31.06
CA ALA D 79 0.53 9.74 32.42
C ALA D 79 1.44 10.42 33.42
N LEU D 80 2.74 10.42 33.17
CA LEU D 80 3.69 11.03 34.08
C LEU D 80 3.45 12.53 34.16
N ARG D 81 3.26 13.14 33.00
CA ARG D 81 3.03 14.57 32.89
C ARG D 81 1.79 14.98 33.68
N GLU D 82 0.72 14.21 33.50
CA GLU D 82 -0.54 14.48 34.16
C GLU D 82 -0.39 14.37 35.68
N ARG D 83 0.36 13.37 36.14
CA ARG D 83 0.55 13.19 37.57
C ARG D 83 1.36 14.32 38.18
N LEU D 84 2.47 14.65 37.56
CA LEU D 84 3.35 15.70 38.05
C LEU D 84 2.60 17.01 38.26
N HIS D 85 1.88 17.45 37.22
CA HIS D 85 1.12 18.69 37.29
C HIS D 85 0.03 18.66 38.36
N ARG D 86 -0.71 17.55 38.43
CA ARG D 86 -1.78 17.42 39.41
C ARG D 86 -1.28 17.56 40.85
N TRP D 87 -0.28 16.79 41.24
CA TRP D 87 0.20 16.88 42.61
C TRP D 87 0.88 18.21 42.94
N GLN D 88 1.42 18.87 41.94
CA GLN D 88 2.06 20.16 42.18
C GLN D 88 0.97 21.14 42.55
N GLN D 89 -0.14 21.11 41.81
CA GLN D 89 -1.24 22.00 42.10
C GLN D 89 -1.79 21.71 43.50
N ILE D 90 -1.88 20.43 43.86
CA ILE D 90 -2.38 20.08 45.18
C ILE D 90 -1.45 20.65 46.24
N GLU D 91 -0.15 20.59 45.98
CA GLU D 91 0.81 21.09 46.93
C GLU D 91 0.67 22.59 47.09
N ILE D 92 0.48 23.30 45.98
CA ILE D 92 0.36 24.74 46.04
C ILE D 92 -0.89 25.15 46.83
N LEU D 93 -2.01 24.52 46.54
CA LEU D 93 -3.26 24.84 47.20
C LEU D 93 -3.32 24.46 48.69
N THR D 94 -2.69 23.35 49.08
CA THR D 94 -2.71 22.94 50.49
C THR D 94 -1.62 23.58 51.33
N GLY D 95 -0.49 23.86 50.71
CA GLY D 95 0.63 24.44 51.43
C GLY D 95 1.49 23.32 52.01
N PHE D 96 1.16 22.07 51.68
CA PHE D 96 1.92 20.94 52.19
C PHE D 96 3.03 20.48 51.29
N GLN D 97 4.01 19.85 51.90
CA GLN D 97 5.04 19.25 51.12
C GLN D 97 4.55 17.81 51.06
N ILE D 98 4.28 17.34 49.85
CA ILE D 98 3.76 16.00 49.69
C ILE D 98 4.67 15.09 48.91
N VAL D 99 5.16 15.54 47.75
CA VAL D 99 6.02 14.65 47.01
C VAL D 99 7.26 14.35 47.78
N ASN D 100 7.99 15.38 48.20
CA ASN D 100 9.14 14.95 48.91
C ASN D 100 8.84 14.48 50.30
P PO4 E . 4.29 -9.50 0.56
O1 PO4 E . 3.98 -10.69 1.54
O2 PO4 E . 5.59 -8.76 1.04
O3 PO4 E . 4.52 -10.07 -0.90
O4 PO4 E . 3.10 -8.48 0.54
P PO4 F . 6.41 13.91 -5.62
O1 PO4 F . 7.42 13.16 -4.75
O2 PO4 F . 6.69 15.43 -5.33
O3 PO4 F . 6.65 13.56 -7.15
O4 PO4 F . 4.93 13.50 -5.23
P PO4 G . -0.66 -27.25 4.52
O1 PO4 G . -0.67 -28.77 4.91
O2 PO4 G . 0.79 -26.68 4.73
O3 PO4 G . -1.06 -27.09 3.00
O4 PO4 G . -1.69 -26.48 5.43
P PO4 H . -9.22 16.73 -4.45
O1 PO4 H . -8.78 15.30 -4.94
O2 PO4 H . -8.04 17.76 -4.69
O3 PO4 H . -10.49 17.19 -5.27
O4 PO4 H . -9.57 16.68 -2.92
P PO4 I . -12.79 10.91 -1.88
O1 PO4 I . -11.81 10.85 -0.64
O2 PO4 I . -12.41 12.12 -2.80
O3 PO4 I . -12.69 9.56 -2.71
O4 PO4 I . -14.29 11.13 -1.41
#